data_7NLZ
#
_entry.id   7NLZ
#
_cell.length_a   174.061
_cell.length_b   174.061
_cell.length_c   72.813
_cell.angle_alpha   90.000
_cell.angle_beta   90.000
_cell.angle_gamma   120.000
#
_symmetry.space_group_name_H-M   'H 3 2'
#
loop_
_entity.id
_entity.type
_entity.pdbx_description
1 polymer 'Acetylglutamate kinase'
2 non-polymer 5-methoxy-6-(trifluoromethyl)-1~{H}-indole
3 non-polymer 'SULFATE ION'
4 water water
#
_entity_poly.entity_id   1
_entity_poly.type   'polypeptide(L)'
_entity_poly.pdbx_seq_one_letter_code
;GSMVSRIEALPTHIKAQVLAEALPWLKQLHGKVVVVKYGGNAMTDDTLRRAFAADMAFLRNCGIHPVVVHGGGPQITAML
RRLGIEGDFKGGFRVTTPEVLDVARMVLFGQVGRELVNLINAHGPYAVGITGEDAQLFTAVRRSVTVDGVATDIGLVGDV
DQVNTAAMLDLVAAGRIPVVSTLAPDADGVVHNINADTAAAAVAEALGAEKLLMLTDIDGLYTRWPDRDSLVSEIDTGTL
AQLLPTLESGMVPKVEACLRAVIGGVPSAHIIDGRVTHCVLVELFTDAGTGTKVVRG
;
_entity_poly.pdbx_strand_id   A
#
loop_
_chem_comp.id
_chem_comp.type
_chem_comp.name
_chem_comp.formula
98Q non-polymer 5-methoxy-6-(trifluoromethyl)-1~{H}-indole 'C10 H8 F3 N O'
SO4 non-polymer 'SULFATE ION' 'O4 S -2'
#
# COMPACT_ATOMS: atom_id res chain seq x y z
N ILE A 7 29.64 6.52 -6.46
CA ILE A 7 29.45 6.35 -5.03
C ILE A 7 30.80 6.07 -4.37
N GLU A 8 31.81 5.83 -5.21
CA GLU A 8 33.14 5.55 -4.72
C GLU A 8 33.96 6.81 -4.51
N ALA A 9 33.74 7.85 -5.32
CA ALA A 9 34.43 9.12 -5.13
C ALA A 9 33.93 9.87 -3.91
N LEU A 10 32.92 9.35 -3.22
CA LEU A 10 32.35 10.04 -2.07
C LEU A 10 33.14 9.69 -0.81
N PRO A 11 33.60 10.70 -0.05
CA PRO A 11 34.52 10.41 1.07
C PRO A 11 33.88 9.49 2.10
N THR A 12 34.74 8.81 2.86
CA THR A 12 34.28 7.77 3.75
C THR A 12 33.59 8.35 4.98
N HIS A 13 34.08 9.50 5.47
CA HIS A 13 33.51 10.07 6.69
C HIS A 13 32.10 10.62 6.47
N ILE A 14 31.69 10.88 5.22
CA ILE A 14 30.30 11.24 4.98
C ILE A 14 29.42 9.99 4.80
N LYS A 15 30.00 8.90 4.26
CA LYS A 15 29.29 7.62 4.31
C LYS A 15 28.95 7.25 5.75
N ALA A 16 29.91 7.41 6.65
CA ALA A 16 29.65 7.21 8.08
C ALA A 16 28.49 8.06 8.55
N GLN A 17 28.52 9.36 8.21
CA GLN A 17 27.50 10.27 8.73
C GLN A 17 26.10 9.88 8.26
N VAL A 18 25.97 9.46 6.99
CA VAL A 18 24.65 9.10 6.47
C VAL A 18 24.08 7.90 7.22
N LEU A 19 24.91 6.89 7.48
CA LEU A 19 24.45 5.73 8.24
C LEU A 19 24.14 6.10 9.68
N ALA A 20 25.00 6.91 10.31
CA ALA A 20 24.74 7.26 11.71
C ALA A 20 23.44 8.04 11.84
N GLU A 21 23.07 8.85 10.84
CA GLU A 21 21.81 9.59 10.93
C GLU A 21 20.59 8.70 10.78
N ALA A 22 20.75 7.43 10.39
CA ALA A 22 19.63 6.51 10.41
C ALA A 22 19.20 6.13 11.83
N LEU A 23 20.08 6.30 12.82
CA LEU A 23 19.85 5.69 14.12
C LEU A 23 18.54 6.10 14.80
N PRO A 24 18.15 7.38 14.86
CA PRO A 24 16.89 7.70 15.53
C PRO A 24 15.70 6.97 14.93
N TRP A 25 15.73 6.70 13.62
CA TRP A 25 14.60 6.00 13.01
C TRP A 25 14.72 4.48 13.16
N LEU A 26 15.93 3.92 13.19
CA LEU A 26 16.07 2.50 13.55
C LEU A 26 15.49 2.25 14.94
N LYS A 27 15.74 3.17 15.88
CA LYS A 27 15.22 3.03 17.24
C LYS A 27 13.71 3.10 17.27
N GLN A 28 13.12 4.06 16.54
CA GLN A 28 11.68 4.22 16.47
C GLN A 28 10.98 3.00 15.90
N LEU A 29 11.58 2.38 14.89
CA LEU A 29 10.92 1.33 14.12
C LEU A 29 11.25 -0.08 14.60
N HIS A 30 12.29 -0.25 15.41
CA HIS A 30 12.73 -1.59 15.83
C HIS A 30 11.60 -2.35 16.51
N GLY A 31 11.31 -3.55 15.99
CA GLY A 31 10.25 -4.39 16.54
C GLY A 31 8.85 -3.96 16.19
N LYS A 32 8.68 -2.95 15.33
CA LYS A 32 7.38 -2.42 14.97
C LYS A 32 6.94 -2.87 13.58
N VAL A 33 5.60 -2.89 13.38
CA VAL A 33 4.99 -3.15 12.07
C VAL A 33 4.96 -1.87 11.25
N VAL A 34 5.34 -2.00 9.97
CA VAL A 34 5.23 -0.94 8.97
C VAL A 34 4.50 -1.53 7.80
N VAL A 35 3.33 -0.98 7.49
CA VAL A 35 2.54 -1.45 6.36
C VAL A 35 2.83 -0.58 5.16
N VAL A 36 3.13 -1.21 4.02
CA VAL A 36 3.53 -0.53 2.79
C VAL A 36 2.56 -0.89 1.68
N LYS A 37 1.82 0.12 1.17
CA LYS A 37 1.06 -0.02 -0.07
C LYS A 37 2.01 0.14 -1.25
N TYR A 38 2.04 -0.88 -2.09
CA TYR A 38 2.98 -0.98 -3.21
C TYR A 38 2.19 -0.98 -4.51
N GLY A 39 2.49 -0.02 -5.39
CA GLY A 39 1.83 0.07 -6.68
C GLY A 39 2.49 1.14 -7.52
N GLY A 40 1.86 1.45 -8.66
CA GLY A 40 2.42 2.48 -9.51
C GLY A 40 3.68 2.02 -10.23
N ASN A 41 4.54 3.00 -10.55
CA ASN A 41 5.77 2.71 -11.26
C ASN A 41 6.76 1.92 -10.42
N ALA A 42 6.69 2.04 -9.08
CA ALA A 42 7.53 1.20 -8.23
C ALA A 42 7.29 -0.27 -8.49
N MET A 43 6.20 -0.62 -9.18
CA MET A 43 5.84 -2.00 -9.46
C MET A 43 6.11 -2.43 -10.89
N THR A 44 6.25 -1.48 -11.82
CA THR A 44 6.37 -1.79 -13.25
C THR A 44 7.79 -1.66 -13.80
N ASP A 45 8.63 -0.79 -13.25
CA ASP A 45 10.01 -0.66 -13.70
C ASP A 45 10.91 -1.62 -12.94
N ASP A 46 11.82 -2.28 -13.67
CA ASP A 46 12.54 -3.40 -13.06
C ASP A 46 13.58 -2.94 -12.04
N THR A 47 14.16 -1.76 -12.23
CA THR A 47 15.09 -1.22 -11.24
C THR A 47 14.35 -0.78 -9.97
N LEU A 48 13.21 -0.15 -10.12
CA LEU A 48 12.46 0.28 -8.98
C LEU A 48 12.02 -0.92 -8.17
N ARG A 49 11.45 -1.88 -8.87
CA ARG A 49 10.97 -3.10 -8.28
C ARG A 49 12.04 -3.77 -7.46
N ARG A 50 13.20 -3.98 -8.07
CA ARG A 50 14.26 -4.65 -7.38
C ARG A 50 14.69 -3.89 -6.14
N ALA A 51 14.65 -2.58 -6.21
CA ALA A 51 15.04 -1.76 -5.08
C ALA A 51 14.00 -1.92 -4.02
N PHE A 52 12.74 -1.90 -4.41
CA PHE A 52 11.68 -2.08 -3.43
C PHE A 52 11.87 -3.39 -2.65
N ALA A 53 12.08 -4.50 -3.38
CA ALA A 53 12.24 -5.79 -2.72
C ALA A 53 13.44 -5.80 -1.79
N ALA A 54 14.52 -5.12 -2.18
CA ALA A 54 15.71 -5.04 -1.33
C ALA A 54 15.45 -4.23 -0.07
N ASP A 55 14.60 -3.21 -0.16
CA ASP A 55 14.28 -2.41 1.03
C ASP A 55 13.40 -3.19 2.00
N MET A 56 12.50 -4.03 1.47
CA MET A 56 11.75 -4.94 2.33
C MET A 56 12.70 -5.88 3.08
N ALA A 57 13.72 -6.41 2.40
CA ALA A 57 14.72 -7.25 3.07
C ALA A 57 15.53 -6.45 4.09
N PHE A 58 15.89 -5.22 3.74
CA PHE A 58 16.51 -4.28 4.67
C PHE A 58 15.72 -4.17 5.96
N LEU A 59 14.44 -3.79 5.87
CA LEU A 59 13.63 -3.62 7.09
C LEU A 59 13.70 -4.88 7.93
N ARG A 60 13.50 -6.04 7.28
CA ARG A 60 13.49 -7.33 7.98
C ARG A 60 14.83 -7.62 8.65
N ASN A 61 15.93 -7.26 8.00
CA ASN A 61 17.25 -7.50 8.58
C ASN A 61 17.67 -6.39 9.54
N CYS A 62 16.74 -5.49 9.88
CA CYS A 62 16.89 -4.57 11.00
C CYS A 62 15.99 -4.94 12.17
N GLY A 63 15.22 -6.02 12.08
CA GLY A 63 14.25 -6.32 13.11
C GLY A 63 12.97 -5.52 13.01
N ILE A 64 12.75 -4.84 11.88
CA ILE A 64 11.49 -4.19 11.57
C ILE A 64 10.58 -5.21 10.91
N HIS A 65 9.26 -5.08 11.09
CA HIS A 65 8.30 -6.02 10.52
C HIS A 65 7.47 -5.42 9.37
N PRO A 66 7.99 -5.39 8.15
CA PRO A 66 7.18 -4.88 7.04
C PRO A 66 6.02 -5.80 6.69
N VAL A 67 4.93 -5.19 6.23
CA VAL A 67 3.78 -5.90 5.66
C VAL A 67 3.44 -5.20 4.36
N VAL A 68 3.45 -5.93 3.25
CA VAL A 68 3.23 -5.37 1.93
C VAL A 68 1.79 -5.65 1.48
N VAL A 69 1.11 -4.61 1.05
CA VAL A 69 -0.20 -4.71 0.41
C VAL A 69 -0.02 -4.17 -1.00
N HIS A 70 -0.39 -4.96 -2.01
CA HIS A 70 -0.19 -4.55 -3.40
C HIS A 70 -1.51 -4.41 -4.14
N GLY A 71 -1.50 -3.52 -5.14
CA GLY A 71 -2.55 -3.40 -6.11
C GLY A 71 -2.21 -4.11 -7.42
N GLY A 72 -2.89 -3.71 -8.48
CA GLY A 72 -2.73 -4.37 -9.76
C GLY A 72 -3.81 -4.07 -10.78
N GLY A 73 -4.45 -2.91 -10.64
CA GLY A 73 -5.50 -2.48 -11.54
C GLY A 73 -5.22 -2.70 -13.01
N PRO A 74 -4.13 -2.12 -13.54
CA PRO A 74 -3.87 -2.22 -14.98
C PRO A 74 -3.61 -3.65 -15.46
N GLN A 75 -3.05 -4.50 -14.62
CA GLN A 75 -2.77 -5.87 -15.01
C GLN A 75 -4.05 -6.68 -15.13
N ILE A 76 -5.03 -6.41 -14.26
CA ILE A 76 -6.33 -7.06 -14.38
C ILE A 76 -6.96 -6.71 -15.72
N THR A 77 -6.97 -5.42 -16.05
CA THR A 77 -7.56 -4.94 -17.29
C THR A 77 -6.93 -5.62 -18.50
N ALA A 78 -5.60 -5.67 -18.55
CA ALA A 78 -4.94 -6.31 -19.69
C ALA A 78 -5.34 -7.78 -19.80
N MET A 79 -5.48 -8.48 -18.65
CA MET A 79 -5.87 -9.88 -18.73
C MET A 79 -7.32 -10.06 -19.18
N LEU A 80 -8.22 -9.16 -18.75
CA LEU A 80 -9.60 -9.19 -19.24
C LEU A 80 -9.66 -9.01 -20.75
N ARG A 81 -8.87 -8.07 -21.27
CA ARG A 81 -8.83 -7.86 -22.71
C ARG A 81 -8.25 -9.09 -23.40
N ARG A 82 -7.22 -9.73 -22.80
CA ARG A 82 -6.66 -10.91 -23.43
C ARG A 82 -7.68 -12.04 -23.51
N LEU A 83 -8.50 -12.19 -22.47
CA LEU A 83 -9.52 -13.22 -22.43
C LEU A 83 -10.78 -12.85 -23.19
N GLY A 84 -10.84 -11.65 -23.80
CA GLY A 84 -12.04 -11.24 -24.51
C GLY A 84 -13.25 -11.07 -23.63
N ILE A 85 -13.06 -10.72 -22.36
CA ILE A 85 -14.17 -10.53 -21.43
C ILE A 85 -14.67 -9.10 -21.56
N GLU A 86 -15.85 -8.94 -22.14
CA GLU A 86 -16.45 -7.62 -22.33
C GLU A 86 -16.85 -7.03 -20.99
N GLY A 87 -16.44 -5.77 -20.76
CA GLY A 87 -16.76 -5.10 -19.51
C GLY A 87 -18.10 -4.40 -19.54
N ASP A 88 -18.73 -4.33 -18.37
CA ASP A 88 -19.87 -3.46 -18.14
C ASP A 88 -19.43 -2.33 -17.22
N PHE A 89 -19.89 -1.12 -17.52
CA PHE A 89 -19.40 0.07 -16.84
C PHE A 89 -20.57 0.92 -16.35
N LYS A 90 -20.59 1.20 -15.05
CA LYS A 90 -21.50 2.16 -14.44
C LYS A 90 -20.66 3.30 -13.87
N GLY A 91 -20.96 4.52 -14.30
CA GLY A 91 -20.02 5.60 -14.06
C GLY A 91 -18.73 5.28 -14.79
N GLY A 92 -17.61 5.45 -14.11
CA GLY A 92 -16.35 5.01 -14.68
C GLY A 92 -15.86 3.73 -14.05
N PHE A 93 -16.79 2.93 -13.52
CA PHE A 93 -16.46 1.73 -12.78
C PHE A 93 -16.84 0.50 -13.60
N ARG A 94 -15.88 -0.37 -13.83
CA ARG A 94 -16.19 -1.72 -14.33
C ARG A 94 -16.99 -2.49 -13.29
N VAL A 95 -18.09 -3.14 -13.72
CA VAL A 95 -18.84 -4.03 -12.84
C VAL A 95 -18.04 -5.32 -12.62
N THR A 96 -17.86 -5.70 -11.35
CA THR A 96 -17.10 -6.92 -11.06
C THR A 96 -18.07 -8.10 -10.96
N THR A 97 -18.33 -8.74 -12.10
CA THR A 97 -19.08 -9.99 -12.17
C THR A 97 -18.30 -11.12 -11.50
N PRO A 98 -18.94 -12.28 -11.24
CA PRO A 98 -18.18 -13.44 -10.74
C PRO A 98 -16.99 -13.79 -11.62
N GLU A 99 -17.15 -13.60 -12.92
CA GLU A 99 -16.07 -13.90 -13.91
C GLU A 99 -14.91 -12.92 -13.75
N VAL A 100 -15.21 -11.62 -13.63
CA VAL A 100 -14.14 -10.59 -13.51
C VAL A 100 -13.37 -10.86 -12.22
N LEU A 101 -14.06 -11.28 -11.16
CA LEU A 101 -13.38 -11.51 -9.87
C LEU A 101 -12.39 -12.67 -10.00
N ASP A 102 -12.84 -13.77 -10.59
CA ASP A 102 -11.93 -14.93 -10.80
C ASP A 102 -10.66 -14.44 -11.50
N VAL A 103 -10.81 -13.59 -12.51
CA VAL A 103 -9.63 -13.04 -13.23
C VAL A 103 -8.84 -12.14 -12.27
N ALA A 104 -9.53 -11.23 -11.58
CA ALA A 104 -8.82 -10.31 -10.70
C ALA A 104 -8.02 -11.08 -9.67
N ARG A 105 -8.63 -12.11 -9.08
CA ARG A 105 -7.95 -12.89 -8.06
C ARG A 105 -6.76 -13.65 -8.66
N MET A 106 -6.94 -14.21 -9.82
CA MET A 106 -5.90 -14.97 -10.46
C MET A 106 -4.70 -14.11 -10.85
N VAL A 107 -4.94 -12.90 -11.29
CA VAL A 107 -3.89 -11.96 -11.64
C VAL A 107 -3.20 -11.40 -10.38
N LEU A 108 -3.98 -10.87 -9.45
CA LEU A 108 -3.42 -10.29 -8.21
C LEU A 108 -2.59 -11.31 -7.44
N PHE A 109 -3.17 -12.45 -7.13
CA PHE A 109 -2.53 -13.44 -6.29
C PHE A 109 -1.63 -14.39 -7.09
N GLY A 110 -1.99 -14.75 -8.33
CA GLY A 110 -1.19 -15.73 -9.04
C GLY A 110 -0.19 -15.15 -10.04
N GLN A 111 -0.16 -13.83 -10.19
CA GLN A 111 0.81 -13.17 -11.07
C GLN A 111 1.52 -12.04 -10.32
N VAL A 112 0.77 -10.99 -9.95
CA VAL A 112 1.39 -9.78 -9.39
C VAL A 112 2.02 -10.08 -8.02
N GLY A 113 1.28 -10.76 -7.14
CA GLY A 113 1.84 -11.14 -5.86
C GLY A 113 3.06 -12.05 -5.98
N ARG A 114 3.03 -12.96 -6.95
CA ARG A 114 4.11 -13.93 -7.13
C ARG A 114 5.40 -13.23 -7.51
N GLU A 115 5.32 -12.23 -8.38
CA GLU A 115 6.51 -11.51 -8.80
C GLU A 115 7.21 -10.85 -7.62
N LEU A 116 6.44 -10.18 -6.77
CA LEU A 116 7.03 -9.54 -5.59
C LEU A 116 7.63 -10.55 -4.61
N VAL A 117 6.89 -11.62 -4.29
CA VAL A 117 7.40 -12.67 -3.40
C VAL A 117 8.75 -13.19 -3.90
N ASN A 118 8.86 -13.41 -5.20
CA ASN A 118 10.11 -13.97 -5.73
C ASN A 118 11.24 -12.95 -5.71
N LEU A 119 10.91 -11.69 -5.90
CA LEU A 119 11.91 -10.65 -5.87
C LEU A 119 12.47 -10.50 -4.47
N ILE A 120 11.61 -10.49 -3.49
CA ILE A 120 12.03 -10.35 -2.11
C ILE A 120 12.80 -11.58 -1.71
N ASN A 121 12.32 -12.74 -2.09
CA ASN A 121 12.98 -13.96 -1.71
C ASN A 121 14.32 -14.24 -2.33
N ALA A 122 14.79 -13.30 -3.12
CA ALA A 122 16.11 -13.41 -3.67
C ALA A 122 17.10 -13.09 -2.57
N HIS A 123 16.63 -12.42 -1.52
CA HIS A 123 17.43 -12.03 -0.39
C HIS A 123 17.31 -12.95 0.78
N GLY A 124 16.35 -13.84 0.74
CA GLY A 124 16.16 -14.77 1.83
C GLY A 124 14.80 -15.36 1.87
N PRO A 125 14.62 -16.36 2.80
CA PRO A 125 13.28 -16.94 2.84
C PRO A 125 12.31 -16.05 3.59
N TYR A 126 12.02 -14.89 3.06
CA TYR A 126 11.16 -13.95 3.74
C TYR A 126 9.70 -13.83 3.35
N ALA A 127 9.43 -13.58 2.09
CA ALA A 127 8.08 -13.35 1.65
C ALA A 127 7.13 -14.53 1.59
N VAL A 128 5.88 -14.24 1.91
CA VAL A 128 4.82 -15.22 1.88
C VAL A 128 3.59 -14.49 1.40
N GLY A 129 2.92 -15.04 0.41
CA GLY A 129 1.74 -14.43 -0.13
C GLY A 129 0.44 -14.88 0.48
N ILE A 130 -0.48 -13.97 0.65
CA ILE A 130 -1.75 -14.30 1.23
C ILE A 130 -2.86 -13.40 0.77
N THR A 131 -4.08 -13.82 1.02
CA THR A 131 -5.25 -13.04 0.74
C THR A 131 -6.10 -13.23 1.95
N GLY A 132 -7.18 -12.50 2.02
CA GLY A 132 -8.14 -12.65 3.09
C GLY A 132 -8.72 -14.05 3.21
N GLU A 133 -8.67 -14.83 2.12
CA GLU A 133 -9.18 -16.20 2.11
C GLU A 133 -8.34 -17.12 2.98
N ASP A 134 -7.02 -16.94 2.97
CA ASP A 134 -6.14 -17.85 3.68
C ASP A 134 -6.29 -17.67 5.18
N ALA A 135 -6.53 -18.78 5.88
CA ALA A 135 -6.72 -18.80 7.32
C ALA A 135 -7.78 -17.81 7.77
N GLN A 136 -8.69 -17.39 6.88
CA GLN A 136 -9.69 -16.39 7.19
C GLN A 136 -9.06 -15.14 7.80
N LEU A 137 -7.98 -14.66 7.14
CA LEU A 137 -7.16 -13.62 7.74
C LEU A 137 -7.87 -12.27 7.79
N PHE A 138 -8.70 -11.98 6.79
CA PHE A 138 -9.63 -10.87 6.91
C PHE A 138 -10.85 -11.14 6.05
N THR A 139 -11.96 -10.54 6.44
CA THR A 139 -13.22 -10.62 5.72
C THR A 139 -13.47 -9.33 4.96
N ALA A 140 -14.46 -9.37 4.06
CA ALA A 140 -14.88 -8.20 3.31
C ALA A 140 -16.37 -7.93 3.50
N VAL A 141 -16.75 -6.66 3.34
CA VAL A 141 -18.16 -6.26 3.26
C VAL A 141 -18.37 -5.58 1.91
N ARG A 142 -19.41 -6.02 1.18
CA ARG A 142 -19.69 -5.46 -0.13
C ARG A 142 -19.89 -3.96 -0.04
N ARG A 143 -19.33 -3.23 -1.00
CA ARG A 143 -19.36 -1.78 -1.00
C ARG A 143 -20.09 -1.26 -2.25
N SER A 144 -20.81 -0.17 -2.07
CA SER A 144 -21.43 0.56 -3.16
C SER A 144 -20.58 1.76 -3.54
N VAL A 145 -20.87 2.30 -4.72
CA VAL A 145 -20.26 3.55 -5.15
C VAL A 145 -21.40 4.50 -5.49
N THR A 146 -21.08 5.78 -5.48
CA THR A 146 -22.06 6.80 -5.78
C THR A 146 -21.68 7.40 -7.14
N VAL A 147 -22.52 7.18 -8.14
CA VAL A 147 -22.34 7.78 -9.46
C VAL A 147 -23.47 8.76 -9.68
N ASP A 148 -23.12 9.97 -10.14
CA ASP A 148 -24.09 11.02 -10.45
C ASP A 148 -25.09 11.20 -9.32
N GLY A 149 -24.63 10.99 -8.08
CA GLY A 149 -25.41 11.26 -6.90
C GLY A 149 -26.09 10.06 -6.25
N VAL A 150 -26.10 8.89 -6.90
CA VAL A 150 -26.85 7.75 -6.42
C VAL A 150 -25.90 6.60 -6.12
N ALA A 151 -26.11 5.93 -4.99
CA ALA A 151 -25.30 4.79 -4.59
C ALA A 151 -25.68 3.56 -5.41
N THR A 152 -24.69 2.93 -6.03
CA THR A 152 -24.94 1.89 -7.03
C THR A 152 -24.05 0.68 -6.79
N ASP A 153 -24.57 -0.50 -7.14
CA ASP A 153 -23.84 -1.75 -7.04
C ASP A 153 -22.96 -1.95 -8.27
N ILE A 154 -21.69 -2.28 -8.04
CA ILE A 154 -20.75 -2.55 -9.13
C ILE A 154 -20.14 -3.92 -8.90
N GLY A 155 -20.91 -4.81 -8.27
CA GLY A 155 -20.54 -6.21 -8.15
C GLY A 155 -19.73 -6.55 -6.92
N LEU A 156 -18.80 -7.51 -7.07
CA LEU A 156 -18.11 -8.15 -5.94
C LEU A 156 -16.85 -7.35 -5.56
N VAL A 157 -17.09 -6.13 -5.12
CA VAL A 157 -16.07 -5.21 -4.68
C VAL A 157 -16.46 -4.78 -3.27
N GLY A 158 -15.48 -4.78 -2.36
CA GLY A 158 -15.78 -4.55 -0.96
C GLY A 158 -14.74 -3.69 -0.28
N ASP A 159 -14.97 -3.47 1.02
CA ASP A 159 -14.01 -2.92 1.96
C ASP A 159 -13.64 -4.01 2.96
N VAL A 160 -12.45 -3.90 3.55
CA VAL A 160 -12.07 -4.85 4.58
C VAL A 160 -13.03 -4.73 5.76
N ASP A 161 -13.60 -5.86 6.19
CA ASP A 161 -14.52 -5.86 7.32
C ASP A 161 -13.76 -6.12 8.63
N GLN A 162 -13.45 -7.37 8.95
CA GLN A 162 -12.66 -7.65 10.14
C GLN A 162 -11.34 -8.30 9.75
N VAL A 163 -10.36 -8.18 10.64
CA VAL A 163 -9.00 -8.62 10.41
C VAL A 163 -8.60 -9.55 11.54
N ASN A 164 -7.90 -10.65 11.21
CA ASN A 164 -7.37 -11.57 12.22
C ASN A 164 -6.01 -11.04 12.69
N THR A 165 -6.06 -10.07 13.60
CA THR A 165 -4.85 -9.40 14.07
C THR A 165 -3.85 -10.39 14.66
N ALA A 166 -4.33 -11.30 15.52
CA ALA A 166 -3.42 -12.26 16.17
C ALA A 166 -2.69 -13.12 15.14
N ALA A 167 -3.43 -13.80 14.26
CA ALA A 167 -2.80 -14.72 13.30
C ALA A 167 -1.83 -14.00 12.38
N MET A 168 -2.12 -12.75 12.01
CA MET A 168 -1.24 -12.02 11.12
C MET A 168 0.06 -11.63 11.82
N LEU A 169 -0.03 -11.21 13.09
CA LEU A 169 1.16 -10.85 13.86
C LEU A 169 1.99 -12.08 14.23
N ASP A 170 1.39 -13.26 14.29
CA ASP A 170 2.16 -14.50 14.35
C ASP A 170 3.09 -14.59 13.16
N LEU A 171 2.53 -14.38 11.97
CA LEU A 171 3.28 -14.54 10.73
C LEU A 171 4.52 -13.65 10.71
N VAL A 172 4.40 -12.41 11.20
CA VAL A 172 5.55 -11.51 11.13
C VAL A 172 6.56 -11.81 12.24
N ALA A 173 6.10 -12.29 13.41
CA ALA A 173 7.03 -12.65 14.47
C ALA A 173 7.90 -13.84 14.08
N ALA A 174 7.38 -14.71 13.22
CA ALA A 174 8.17 -15.76 12.59
C ALA A 174 9.23 -15.24 11.61
N GLY A 175 9.40 -13.93 11.47
CA GLY A 175 10.36 -13.39 10.53
C GLY A 175 9.91 -13.34 9.09
N ARG A 176 8.62 -13.49 8.83
CA ARG A 176 8.10 -13.46 7.47
C ARG A 176 7.56 -12.12 7.04
N ILE A 177 7.58 -11.89 5.74
CA ILE A 177 7.06 -10.68 5.18
C ILE A 177 5.81 -10.99 4.40
N PRO A 178 4.62 -10.64 5.02
CA PRO A 178 3.43 -10.94 4.24
C PRO A 178 3.26 -10.02 3.05
N VAL A 179 2.83 -10.59 1.94
CA VAL A 179 2.58 -9.86 0.74
C VAL A 179 1.12 -10.13 0.50
N VAL A 180 0.31 -9.13 0.74
CA VAL A 180 -1.12 -9.27 0.64
C VAL A 180 -1.80 -8.88 -0.66
N SER A 181 -2.59 -9.80 -1.18
CA SER A 181 -3.38 -9.57 -2.37
C SER A 181 -4.74 -9.30 -1.77
N THR A 182 -5.34 -8.19 -2.12
CA THR A 182 -6.60 -7.78 -1.54
C THR A 182 -7.91 -8.39 -1.94
N LEU A 183 -8.06 -9.67 -1.67
CA LEU A 183 -9.29 -10.36 -1.95
C LEU A 183 -9.67 -10.98 -0.65
N ALA A 184 -10.96 -11.04 -0.36
CA ALA A 184 -11.41 -11.61 0.88
C ALA A 184 -12.83 -11.96 0.77
N PRO A 185 -13.22 -13.02 1.57
CA PRO A 185 -14.62 -13.38 1.44
C PRO A 185 -15.54 -12.61 2.36
N ASP A 186 -16.78 -12.48 1.98
CA ASP A 186 -17.74 -11.83 2.86
C ASP A 186 -18.20 -12.86 3.88
N ALA A 187 -19.23 -12.54 4.67
CA ALA A 187 -19.70 -13.45 5.70
C ALA A 187 -20.30 -14.73 5.14
N ASP A 188 -20.74 -14.74 3.88
CA ASP A 188 -21.27 -15.95 3.27
C ASP A 188 -20.23 -16.73 2.49
N GLY A 189 -18.95 -16.39 2.63
CA GLY A 189 -17.91 -17.07 1.89
C GLY A 189 -17.69 -16.57 0.48
N VAL A 190 -18.35 -15.49 0.08
CA VAL A 190 -18.25 -14.99 -1.30
C VAL A 190 -17.08 -14.01 -1.40
N VAL A 191 -16.10 -14.35 -2.21
CA VAL A 191 -14.87 -13.55 -2.25
C VAL A 191 -15.10 -12.26 -3.04
N HIS A 192 -14.63 -11.15 -2.49
CA HIS A 192 -14.71 -9.83 -3.10
C HIS A 192 -13.31 -9.27 -3.36
N ASN A 193 -13.20 -8.36 -4.32
CA ASN A 193 -11.98 -7.62 -4.56
C ASN A 193 -12.01 -6.30 -3.80
N ILE A 194 -10.98 -6.01 -3.03
CA ILE A 194 -10.93 -4.79 -2.20
C ILE A 194 -9.91 -3.84 -2.81
N ASN A 195 -10.25 -2.54 -2.82
CA ASN A 195 -9.29 -1.51 -3.20
C ASN A 195 -8.04 -1.62 -2.34
N ALA A 196 -6.87 -1.62 -2.99
CA ALA A 196 -5.62 -1.87 -2.27
C ALA A 196 -5.28 -0.74 -1.32
N ASP A 197 -5.56 0.51 -1.70
CA ASP A 197 -5.22 1.64 -0.84
C ASP A 197 -6.00 1.56 0.46
N THR A 198 -7.31 1.33 0.39
CA THR A 198 -8.10 1.24 1.61
C THR A 198 -7.76 -0.01 2.41
N ALA A 199 -7.59 -1.16 1.75
CA ALA A 199 -7.16 -2.35 2.49
C ALA A 199 -5.89 -2.11 3.29
N ALA A 200 -4.93 -1.36 2.74
CA ALA A 200 -3.68 -1.12 3.45
C ALA A 200 -3.92 -0.31 4.71
N ALA A 201 -4.74 0.74 4.62
CA ALA A 201 -5.08 1.51 5.80
C ALA A 201 -5.76 0.64 6.86
N ALA A 202 -6.64 -0.27 6.42
CA ALA A 202 -7.34 -1.13 7.39
C ALA A 202 -6.37 -2.10 8.05
N VAL A 203 -5.52 -2.76 7.26
CA VAL A 203 -4.50 -3.65 7.83
C VAL A 203 -3.62 -2.89 8.81
N ALA A 204 -3.23 -1.65 8.45
CA ALA A 204 -2.31 -0.91 9.30
C ALA A 204 -2.94 -0.60 10.66
N GLU A 205 -4.22 -0.23 10.67
CA GLU A 205 -4.89 0.04 11.94
C GLU A 205 -5.12 -1.23 12.74
N ALA A 206 -5.54 -2.32 12.07
CA ALA A 206 -5.73 -3.58 12.78
C ALA A 206 -4.44 -4.10 13.38
N LEU A 207 -3.30 -3.91 12.72
CA LEU A 207 -2.06 -4.44 13.25
C LEU A 207 -1.33 -3.52 14.22
N GLY A 208 -1.85 -2.32 14.48
CA GLY A 208 -1.12 -1.41 15.34
C GLY A 208 0.20 -1.00 14.72
N ALA A 209 0.20 -0.76 13.40
CA ALA A 209 1.42 -0.37 12.73
C ALA A 209 1.93 0.97 13.28
N GLU A 210 3.25 1.12 13.26
CA GLU A 210 3.87 2.39 13.62
C GLU A 210 3.79 3.40 12.48
N LYS A 211 3.83 2.94 11.24
CA LYS A 211 3.70 3.80 10.07
C LYS A 211 2.93 3.07 8.98
N LEU A 212 2.20 3.85 8.18
CA LEU A 212 1.69 3.41 6.89
C LEU A 212 2.40 4.21 5.80
N LEU A 213 2.97 3.52 4.82
CA LEU A 213 3.59 4.14 3.66
C LEU A 213 2.74 3.85 2.43
N MET A 214 2.42 4.90 1.64
CA MET A 214 1.70 4.77 0.38
C MET A 214 2.63 5.17 -0.77
N LEU A 215 3.07 4.20 -1.58
CA LEU A 215 3.86 4.51 -2.76
C LEU A 215 2.94 4.96 -3.90
N THR A 216 3.25 6.12 -4.48
CA THR A 216 2.43 6.70 -5.55
C THR A 216 3.36 7.34 -6.57
N ASP A 217 2.79 7.77 -7.70
CA ASP A 217 3.60 8.38 -8.75
C ASP A 217 3.54 9.90 -8.65
N ILE A 218 3.92 10.44 -7.49
CA ILE A 218 3.86 11.88 -7.21
C ILE A 218 5.03 12.27 -6.32
N ASP A 219 5.41 13.56 -6.37
CA ASP A 219 6.38 14.08 -5.41
C ASP A 219 5.83 14.06 -4.00
N GLY A 220 4.57 14.48 -3.86
CA GLY A 220 3.89 14.54 -2.59
C GLY A 220 2.56 15.22 -2.80
N LEU A 221 1.90 15.56 -1.70
CA LEU A 221 0.58 16.16 -1.79
C LEU A 221 0.72 17.65 -2.10
N TYR A 222 0.12 18.07 -3.21
CA TYR A 222 0.01 19.48 -3.56
C TYR A 222 -1.35 19.98 -3.11
N THR A 223 -1.37 21.13 -2.42
CA THR A 223 -2.64 21.70 -1.97
C THR A 223 -3.38 22.33 -3.14
N ARG A 224 -2.65 23.11 -3.92
CA ARG A 224 -3.18 23.78 -5.09
C ARG A 224 -2.47 23.32 -6.36
N TRP A 225 -2.54 22.03 -6.66
CA TRP A 225 -1.91 21.55 -7.89
C TRP A 225 -2.47 22.42 -9.02
N PRO A 226 -1.61 22.86 -9.94
CA PRO A 226 -0.19 22.58 -10.10
C PRO A 226 0.82 23.58 -9.52
N ASP A 227 0.43 24.54 -8.67
CA ASP A 227 1.38 25.46 -8.06
C ASP A 227 2.52 24.67 -7.42
N ARG A 228 3.74 24.84 -7.94
CA ARG A 228 4.88 24.10 -7.41
C ARG A 228 5.14 24.41 -5.95
N ASP A 229 4.85 25.64 -5.52
CA ASP A 229 5.05 26.05 -4.14
C ASP A 229 3.89 25.66 -3.24
N SER A 230 3.00 24.77 -3.69
CA SER A 230 1.92 24.24 -2.86
C SER A 230 2.24 22.88 -2.29
N LEU A 231 3.41 22.34 -2.61
CA LEU A 231 3.80 21.02 -2.12
C LEU A 231 4.05 21.09 -0.61
N VAL A 232 3.47 20.14 0.12
CA VAL A 232 3.51 20.13 1.57
C VAL A 232 4.30 18.91 2.05
N SER A 233 4.99 19.06 3.19
CA SER A 233 5.74 17.95 3.78
C SER A 233 5.06 17.34 5.00
N GLU A 234 4.20 18.09 5.70
CA GLU A 234 3.47 17.52 6.83
C GLU A 234 2.13 18.22 6.96
N ILE A 235 1.11 17.48 7.37
CA ILE A 235 -0.23 18.04 7.49
C ILE A 235 -1.01 17.19 8.48
N ASP A 236 -1.95 17.80 9.19
CA ASP A 236 -2.75 17.02 10.13
C ASP A 236 -4.05 16.53 9.50
N THR A 237 -4.67 15.55 10.15
CA THR A 237 -5.88 14.92 9.59
C THR A 237 -7.02 15.90 9.50
N GLY A 238 -7.13 16.82 10.46
CA GLY A 238 -8.24 17.76 10.47
C GLY A 238 -8.27 18.62 9.22
N THR A 239 -7.13 19.20 8.85
CA THR A 239 -7.10 20.08 7.70
C THR A 239 -6.97 19.29 6.40
N LEU A 240 -6.34 18.11 6.45
CA LEU A 240 -6.29 17.26 5.27
C LEU A 240 -7.69 16.81 4.87
N ALA A 241 -8.56 16.54 5.85
CA ALA A 241 -9.95 16.17 5.54
C ALA A 241 -10.68 17.30 4.84
N GLN A 242 -10.30 18.55 5.14
CA GLN A 242 -10.93 19.68 4.50
C GLN A 242 -10.45 19.87 3.05
N LEU A 243 -9.21 19.47 2.76
CA LEU A 243 -8.64 19.59 1.43
C LEU A 243 -9.05 18.44 0.50
N LEU A 244 -9.75 17.44 1.04
CA LEU A 244 -10.05 16.23 0.27
C LEU A 244 -10.88 16.50 -0.98
N PRO A 245 -12.04 17.18 -0.91
CA PRO A 245 -12.82 17.42 -2.14
C PRO A 245 -12.12 18.29 -3.17
N THR A 246 -10.87 18.73 -2.94
CA THR A 246 -10.25 19.68 -3.85
C THR A 246 -9.01 19.10 -4.53
N LEU A 247 -8.82 17.79 -4.52
CA LEU A 247 -7.66 17.16 -5.12
C LEU A 247 -8.08 16.31 -6.31
N GLU A 248 -7.11 16.08 -7.20
CA GLU A 248 -7.39 15.30 -8.40
C GLU A 248 -7.80 13.88 -8.03
N SER A 249 -8.57 13.25 -8.92
CA SER A 249 -9.26 12.00 -8.60
C SER A 249 -8.30 10.89 -8.19
N GLY A 250 -7.04 10.97 -8.61
CA GLY A 250 -6.09 9.90 -8.39
C GLY A 250 -5.53 9.83 -6.98
N MET A 251 -5.30 10.99 -6.36
CA MET A 251 -4.77 11.01 -5.00
C MET A 251 -5.86 11.02 -3.95
N VAL A 252 -7.12 11.06 -4.35
CA VAL A 252 -8.22 10.90 -3.41
C VAL A 252 -8.05 9.61 -2.62
N PRO A 253 -8.03 8.42 -3.25
CA PRO A 253 -7.99 7.19 -2.45
C PRO A 253 -6.75 7.06 -1.58
N LYS A 254 -5.61 7.61 -2.03
CA LYS A 254 -4.39 7.59 -1.25
C LYS A 254 -4.51 8.47 -0.02
N VAL A 255 -5.21 9.60 -0.16
CA VAL A 255 -5.40 10.54 0.95
C VAL A 255 -6.39 9.96 1.95
N GLU A 256 -7.51 9.42 1.46
CA GLU A 256 -8.50 8.79 2.32
C GLU A 256 -7.89 7.67 3.16
N ALA A 257 -7.03 6.86 2.53
CA ALA A 257 -6.32 5.83 3.28
C ALA A 257 -5.53 6.44 4.44
N CYS A 258 -4.77 7.50 4.16
CA CYS A 258 -3.95 8.13 5.19
C CYS A 258 -4.80 8.66 6.33
N LEU A 259 -5.88 9.39 6.04
CA LEU A 259 -6.73 9.91 7.12
C LEU A 259 -7.33 8.78 7.93
N ARG A 260 -7.86 7.79 7.25
CA ARG A 260 -8.49 6.66 7.92
C ARG A 260 -7.54 5.89 8.81
N ALA A 261 -6.29 5.78 8.39
CA ALA A 261 -5.30 5.07 9.18
C ALA A 261 -4.85 5.91 10.37
N VAL A 262 -4.53 7.19 10.14
CA VAL A 262 -4.03 8.03 11.23
C VAL A 262 -5.14 8.36 12.22
N ILE A 263 -6.39 8.52 11.77
CA ILE A 263 -7.47 8.63 12.75
C ILE A 263 -7.70 7.30 13.46
N GLY A 264 -7.34 6.19 12.82
CA GLY A 264 -7.41 4.91 13.51
C GLY A 264 -6.33 4.67 14.55
N GLY A 265 -5.38 5.60 14.71
CA GLY A 265 -4.34 5.48 15.72
C GLY A 265 -2.95 5.18 15.19
N VAL A 266 -2.79 4.93 13.89
CA VAL A 266 -1.46 4.75 13.32
C VAL A 266 -0.73 6.08 13.47
N PRO A 267 0.42 6.11 14.17
CA PRO A 267 1.06 7.40 14.46
C PRO A 267 1.28 8.30 13.24
N SER A 268 1.71 7.76 12.10
CA SER A 268 1.77 8.61 10.92
C SER A 268 1.63 7.78 9.65
N ALA A 269 0.98 8.37 8.65
CA ALA A 269 0.93 7.83 7.30
C ALA A 269 1.71 8.76 6.38
N HIS A 270 2.27 8.18 5.32
CA HIS A 270 3.17 8.92 4.45
C HIS A 270 2.81 8.62 3.01
N ILE A 271 2.68 9.68 2.22
CA ILE A 271 2.54 9.55 0.77
C ILE A 271 3.89 9.88 0.16
N ILE A 272 4.57 8.88 -0.41
CA ILE A 272 5.94 9.04 -0.89
C ILE A 272 6.01 8.69 -2.38
N ASP A 273 7.08 9.17 -3.01
CA ASP A 273 7.30 9.10 -4.46
C ASP A 273 7.86 7.73 -4.86
N GLY A 274 6.99 6.84 -5.34
CA GLY A 274 7.42 5.54 -5.82
C GLY A 274 8.32 5.56 -7.05
N ARG A 275 8.48 6.70 -7.73
CA ARG A 275 9.40 6.75 -8.87
C ARG A 275 10.84 6.97 -8.43
N VAL A 276 11.09 7.14 -7.14
CA VAL A 276 12.43 7.34 -6.60
C VAL A 276 12.96 5.98 -6.15
N THR A 277 14.13 5.61 -6.67
CA THR A 277 14.75 4.36 -6.27
C THR A 277 15.03 4.37 -4.77
N HIS A 278 14.62 3.30 -4.09
CA HIS A 278 14.81 3.15 -2.65
C HIS A 278 14.02 4.21 -1.86
N CYS A 279 12.85 4.59 -2.38
CA CYS A 279 12.06 5.60 -1.69
C CYS A 279 11.75 5.21 -0.24
N VAL A 280 11.54 3.91 0.03
CA VAL A 280 11.27 3.48 1.39
C VAL A 280 12.46 3.79 2.30
N LEU A 281 13.67 3.48 1.84
CA LEU A 281 14.86 3.81 2.64
C LEU A 281 14.95 5.31 2.90
N VAL A 282 14.67 6.14 1.89
CA VAL A 282 14.83 7.57 2.11
C VAL A 282 13.72 8.10 3.01
N GLU A 283 12.50 7.58 2.86
CA GLU A 283 11.42 8.09 3.71
C GLU A 283 11.64 7.69 5.17
N LEU A 284 12.09 6.47 5.42
CA LEU A 284 12.16 5.96 6.78
C LEU A 284 13.46 6.33 7.49
N PHE A 285 14.58 6.38 6.78
CA PHE A 285 15.87 6.52 7.45
C PHE A 285 16.59 7.82 7.14
N THR A 286 15.94 8.78 6.53
CA THR A 286 16.56 10.07 6.30
C THR A 286 15.54 11.15 6.49
N ASP A 287 16.01 12.37 6.65
CA ASP A 287 15.13 13.52 6.78
C ASP A 287 14.94 14.26 5.46
N ALA A 288 15.56 13.79 4.39
CA ALA A 288 15.46 14.39 3.07
C ALA A 288 14.32 13.80 2.25
N GLY A 289 13.27 13.29 2.91
CA GLY A 289 12.15 12.75 2.18
C GLY A 289 11.38 13.83 1.43
N THR A 290 10.94 13.48 0.24
CA THR A 290 10.05 14.33 -0.54
C THR A 290 8.58 14.09 -0.22
N GLY A 291 8.24 13.05 0.52
CA GLY A 291 6.87 12.67 0.73
C GLY A 291 6.11 13.67 1.58
N THR A 292 4.86 13.31 1.87
CA THR A 292 4.00 14.09 2.76
C THR A 292 3.59 13.20 3.93
N LYS A 293 3.85 13.68 5.15
CA LYS A 293 3.54 12.95 6.37
C LYS A 293 2.19 13.41 6.91
N VAL A 294 1.32 12.46 7.25
CA VAL A 294 0.03 12.78 7.85
C VAL A 294 0.04 12.36 9.32
N VAL A 295 -0.38 13.27 10.20
CA VAL A 295 -0.48 13.04 11.64
C VAL A 295 -1.84 13.52 12.12
N ARG A 296 -2.25 13.04 13.29
CA ARG A 296 -3.58 13.39 13.78
C ARG A 296 -3.58 14.79 14.37
N GLY A 297 -4.73 15.46 14.24
CA GLY A 297 -4.90 16.80 14.77
C GLY A 297 -6.17 17.47 14.27
C10 98Q B . 1.45 -18.85 5.81
C01 98Q B . 2.33 -18.90 10.52
O02 98Q B . 1.36 -18.83 9.51
C03 98Q B . 1.83 -19.02 8.19
C04 98Q B . 3.09 -19.54 7.95
C05 98Q B . 3.56 -19.72 6.62
C06 98Q B . 4.76 -20.22 6.05
C07 98Q B . 4.60 -20.15 4.67
N08 98Q B . 3.40 -19.65 4.40
C09 98Q B . 2.75 -19.38 5.56
C11 98Q B . 1.02 -18.68 7.11
C12 98Q B . -0.38 -18.09 7.35
F13 98Q B . -1.05 -18.89 8.23
F14 98Q B . -1.03 -18.04 6.15
F15 98Q B . -0.27 -16.84 7.87
S SO4 C . 9.58 11.06 10.59
O1 SO4 C . 10.19 11.85 11.67
O2 SO4 C . 8.24 11.56 10.32
O3 SO4 C . 9.50 9.66 11.03
O4 SO4 C . 10.40 11.15 9.39
S SO4 D . -12.26 -2.12 -22.33
O1 SO4 D . -13.65 -2.09 -21.93
O2 SO4 D . -11.87 -0.81 -22.86
O3 SO4 D . -12.03 -3.13 -23.37
O4 SO4 D . -11.44 -2.45 -21.15
#